data_7YWM
#
_entry.id   7YWM
#
_cell.length_a   75.827
_cell.length_b   125.134
_cell.length_c   119.083
_cell.angle_alpha   90.000
_cell.angle_beta   90.000
_cell.angle_gamma   90.000
#
_symmetry.space_group_name_H-M   'C 2 2 21'
#
loop_
_entity.id
_entity.type
_entity.pdbx_description
1 polymer 'Phosphopantetheine adenylyltransferase'
2 non-polymer "ADENOSINE-5'-TRIPHOSPHATE"
3 non-polymer 'MAGNESIUM ION'
4 water water
#
_entity_poly.entity_id   1
_entity_poly.type   'polypeptide(L)'
_entity_poly.pdbx_seq_one_letter_code
;SMTGAVCPGSFDPVTLGHLDVFERAAAQFDEVIVAVLINPNKAGMFTVDERIEMIRESTADLPNLRVESGQGLLVDFVRE
RGLNAIVKGLRTGTDFEYELQMAQMNKHIAGVDTFFVATAPAYSFVSSSLAKEVATYGGDVSALLPASVHQRLLGKLRGQ
AQ
;
_entity_poly.pdbx_strand_id   A,B,C
#
# COMPACT_ATOMS: atom_id res chain seq x y z
N MET A 2 -31.13 -20.28 10.06
CA MET A 2 -30.00 -21.17 10.23
C MET A 2 -28.76 -20.68 9.49
N THR A 3 -28.95 -19.98 8.36
CA THR A 3 -27.83 -19.37 7.65
C THR A 3 -27.32 -18.14 8.42
N GLY A 4 -26.04 -17.82 8.26
CA GLY A 4 -25.50 -16.68 8.97
C GLY A 4 -24.15 -16.24 8.44
N ALA A 5 -23.78 -15.00 8.72
CA ALA A 5 -22.49 -14.51 8.29
C ALA A 5 -21.93 -13.51 9.28
N VAL A 6 -20.61 -13.36 9.25
CA VAL A 6 -19.93 -12.39 10.10
C VAL A 6 -19.39 -11.28 9.23
N CYS A 7 -19.65 -10.03 9.63
CA CYS A 7 -19.15 -8.84 8.94
CA CYS A 7 -19.12 -8.86 8.94
C CYS A 7 -18.07 -8.18 9.81
N PRO A 8 -16.79 -8.40 9.50
CA PRO A 8 -15.69 -7.94 10.35
C PRO A 8 -15.13 -6.59 9.95
N GLY A 9 -14.52 -5.92 10.92
CA GLY A 9 -13.83 -4.68 10.64
C GLY A 9 -13.34 -4.07 11.93
N SER A 10 -12.58 -2.99 11.83
CA SER A 10 -12.21 -2.22 13.01
CA SER A 10 -12.21 -2.22 13.01
C SER A 10 -13.31 -1.21 13.35
N PHE A 11 -14.06 -0.80 12.34
CA PHE A 11 -15.19 0.11 12.48
C PHE A 11 -14.89 1.28 13.43
N ASP A 12 -13.84 2.00 13.08
CA ASP A 12 -13.31 3.10 13.93
C ASP A 12 -13.30 4.46 13.20
N PRO A 13 -14.44 5.07 12.88
CA PRO A 13 -15.75 4.57 13.21
C PRO A 13 -16.46 3.91 12.02
N VAL A 14 -17.62 3.34 12.30
CA VAL A 14 -18.48 2.78 11.23
C VAL A 14 -18.90 3.91 10.29
N THR A 15 -18.94 3.62 9.00
CA THR A 15 -19.38 4.59 8.00
C THR A 15 -20.67 4.16 7.29
N LEU A 16 -21.19 5.04 6.44
CA LEU A 16 -22.39 4.69 5.67
C LEU A 16 -22.09 3.58 4.66
N GLY A 17 -20.84 3.50 4.20
CA GLY A 17 -20.43 2.40 3.34
C GLY A 17 -20.57 1.06 4.06
N HIS A 18 -20.12 1.01 5.30
CA HIS A 18 -20.29 -0.19 6.12
C HIS A 18 -21.75 -0.53 6.35
N LEU A 19 -22.56 0.46 6.69
CA LEU A 19 -23.97 0.21 7.01
C LEU A 19 -24.69 -0.37 5.79
N ASP A 20 -24.32 0.09 4.61
CA ASP A 20 -24.90 -0.44 3.39
C ASP A 20 -24.60 -1.93 3.27
N VAL A 21 -23.36 -2.30 3.56
CA VAL A 21 -22.98 -3.71 3.56
C VAL A 21 -23.76 -4.51 4.62
N PHE A 22 -23.86 -3.96 5.83
CA PHE A 22 -24.64 -4.65 6.89
C PHE A 22 -26.08 -4.92 6.45
N GLU A 23 -26.71 -3.92 5.85
CA GLU A 23 -28.11 -4.02 5.45
C GLU A 23 -28.30 -5.10 4.40
N ARG A 24 -27.37 -5.16 3.46
CA ARG A 24 -27.43 -6.13 2.39
C ARG A 24 -27.17 -7.55 2.90
N ALA A 25 -26.24 -7.68 3.86
CA ALA A 25 -25.98 -8.99 4.46
C ALA A 25 -27.19 -9.45 5.26
N ALA A 26 -27.78 -8.52 6.00
CA ALA A 26 -28.93 -8.86 6.87
C ALA A 26 -30.16 -9.24 6.05
N ALA A 27 -30.24 -8.72 4.83
CA ALA A 27 -31.36 -9.06 3.96
C ALA A 27 -31.22 -10.47 3.37
N GLN A 28 -30.01 -11.02 3.38
CA GLN A 28 -29.76 -12.29 2.69
C GLN A 28 -29.43 -13.48 3.59
N PHE A 29 -29.17 -13.23 4.86
CA PHE A 29 -28.76 -14.28 5.82
CA PHE A 29 -28.89 -14.35 5.75
C PHE A 29 -29.68 -14.23 7.03
N ASP A 30 -29.96 -15.38 7.64
CA ASP A 30 -30.86 -15.40 8.79
C ASP A 30 -30.31 -14.57 9.95
N GLU A 31 -29.00 -14.65 10.17
CA GLU A 31 -28.39 -13.82 11.20
C GLU A 31 -27.10 -13.20 10.71
N VAL A 32 -26.81 -12.00 11.17
CA VAL A 32 -25.54 -11.36 10.84
C VAL A 32 -24.90 -10.89 12.15
N ILE A 33 -23.62 -11.19 12.29
CA ILE A 33 -22.87 -10.66 13.42
C ILE A 33 -21.84 -9.68 12.90
N VAL A 34 -21.90 -8.44 13.37
CA VAL A 34 -20.85 -7.48 13.12
C VAL A 34 -19.74 -7.70 14.14
N ALA A 35 -18.57 -8.06 13.65
CA ALA A 35 -17.42 -8.36 14.51
C ALA A 35 -16.49 -7.14 14.54
N VAL A 36 -16.49 -6.46 15.68
CA VAL A 36 -15.55 -5.36 15.89
C VAL A 36 -14.23 -5.92 16.35
N LEU A 37 -13.26 -5.96 15.44
CA LEU A 37 -11.98 -6.58 15.74
C LEU A 37 -11.01 -5.55 16.30
N ILE A 38 -10.49 -5.86 17.49
CA ILE A 38 -9.68 -4.93 18.26
C ILE A 38 -8.23 -5.38 18.27
N ASN A 39 -7.32 -4.42 18.12
CA ASN A 39 -5.89 -4.66 18.27
C ASN A 39 -5.52 -4.25 19.68
N PRO A 40 -5.13 -5.22 20.53
CA PRO A 40 -4.83 -4.84 21.91
C PRO A 40 -3.55 -4.00 22.02
N ASN A 41 -2.84 -3.83 20.91
CA ASN A 41 -1.63 -3.02 20.85
C ASN A 41 -1.81 -1.72 20.06
N LYS A 42 -3.03 -1.40 19.68
CA LYS A 42 -3.31 -0.21 18.87
C LYS A 42 -4.69 0.37 19.19
N ALA A 43 -4.71 1.45 19.97
CA ALA A 43 -5.94 1.97 20.55
C ALA A 43 -6.98 2.43 19.51
N GLY A 44 -6.56 3.16 18.49
CA GLY A 44 -7.50 3.72 17.54
C GLY A 44 -8.22 4.92 18.13
N MET A 45 -9.12 5.52 17.34
CA MET A 45 -9.80 6.72 17.78
C MET A 45 -10.89 6.48 18.83
N PHE A 46 -11.68 5.43 18.64
CA PHE A 46 -12.80 5.14 19.53
C PHE A 46 -12.51 3.88 20.32
N THR A 47 -13.01 3.82 21.56
CA THR A 47 -12.91 2.61 22.36
C THR A 47 -13.86 1.55 21.81
N VAL A 48 -13.67 0.30 22.23
CA VAL A 48 -14.54 -0.78 21.77
CA VAL A 48 -14.52 -0.79 21.77
C VAL A 48 -16.00 -0.52 22.09
N ASP A 49 -16.29 -0.05 23.32
CA ASP A 49 -17.67 0.22 23.67
C ASP A 49 -18.26 1.34 22.81
N GLU A 50 -17.44 2.35 22.49
CA GLU A 50 -17.91 3.44 21.65
C GLU A 50 -18.21 2.92 20.24
N ARG A 51 -17.33 2.07 19.70
CA ARG A 51 -17.53 1.56 18.34
C ARG A 51 -18.81 0.76 18.27
N ILE A 52 -19.04 -0.07 19.28
CA ILE A 52 -20.21 -0.92 19.29
C ILE A 52 -21.50 -0.11 19.42
N GLU A 53 -21.47 0.87 20.29
CA GLU A 53 -22.62 1.72 20.51
C GLU A 53 -22.99 2.46 19.23
N MET A 54 -21.98 2.95 18.50
CA MET A 54 -22.26 3.68 17.26
C MET A 54 -22.87 2.77 16.20
N ILE A 55 -22.41 1.53 16.15
CA ILE A 55 -23.00 0.58 15.19
C ILE A 55 -24.43 0.18 15.59
N ARG A 56 -24.65 -0.10 16.87
CA ARG A 56 -25.99 -0.48 17.32
C ARG A 56 -27.00 0.61 17.04
N GLU A 57 -26.63 1.85 17.32
CA GLU A 57 -27.54 2.96 17.12
C GLU A 57 -27.93 3.12 15.66
N SER A 58 -27.03 2.77 14.75
CA SER A 58 -27.33 2.95 13.33
C SER A 58 -27.83 1.68 12.63
N THR A 59 -28.03 0.60 13.39
CA THR A 59 -28.57 -0.65 12.83
C THR A 59 -29.82 -1.12 13.57
N ALA A 60 -30.49 -0.19 14.26
CA ALA A 60 -31.65 -0.54 15.08
C ALA A 60 -32.79 -1.14 14.26
N ASP A 61 -32.84 -0.81 12.96
CA ASP A 61 -33.89 -1.31 12.07
C ASP A 61 -33.53 -2.66 11.44
N LEU A 62 -32.46 -3.30 11.92
CA LEU A 62 -32.04 -4.60 11.41
C LEU A 62 -32.11 -5.65 12.52
N PRO A 63 -33.29 -6.27 12.68
CA PRO A 63 -33.57 -7.14 13.83
C PRO A 63 -32.71 -8.39 13.91
N ASN A 64 -32.17 -8.85 12.79
CA ASN A 64 -31.39 -10.08 12.77
C ASN A 64 -29.88 -9.82 12.81
N LEU A 65 -29.51 -8.60 13.15
CA LEU A 65 -28.10 -8.24 13.26
C LEU A 65 -27.68 -7.99 14.70
N ARG A 66 -26.55 -8.54 15.12
CA ARG A 66 -26.00 -8.18 16.41
C ARG A 66 -24.53 -7.82 16.30
N VAL A 67 -24.03 -7.15 17.33
CA VAL A 67 -22.67 -6.62 17.30
C VAL A 67 -21.85 -7.15 18.46
N GLU A 68 -20.67 -7.69 18.17
CA GLU A 68 -19.78 -8.27 19.18
C GLU A 68 -18.34 -7.91 18.85
N SER A 69 -17.50 -7.75 19.87
CA SER A 69 -16.10 -7.53 19.60
C SER A 69 -15.28 -8.80 19.76
N GLY A 70 -14.07 -8.76 19.24
CA GLY A 70 -13.17 -9.89 19.33
C GLY A 70 -11.76 -9.49 18.97
N GLN A 71 -10.85 -10.46 19.04
CA GLN A 71 -9.47 -10.24 18.62
C GLN A 71 -8.85 -11.56 18.21
N GLY A 72 -7.67 -11.50 17.61
CA GLY A 72 -7.03 -12.73 17.16
C GLY A 72 -7.57 -13.14 15.81
N LEU A 73 -7.51 -14.44 15.51
CA LEU A 73 -7.96 -14.91 14.20
C LEU A 73 -9.46 -14.79 14.01
N LEU A 74 -9.85 -14.10 12.93
CA LEU A 74 -11.27 -13.97 12.60
C LEU A 74 -11.93 -15.34 12.42
N VAL A 75 -11.23 -16.30 11.82
CA VAL A 75 -11.87 -17.60 11.59
C VAL A 75 -12.27 -18.29 12.90
N ASP A 76 -11.57 -18.01 13.99
CA ASP A 76 -11.93 -18.57 15.30
C ASP A 76 -13.23 -17.94 15.83
N PHE A 77 -13.35 -16.62 15.65
CA PHE A 77 -14.57 -15.90 16.00
C PHE A 77 -15.75 -16.48 15.23
N VAL A 78 -15.55 -16.72 13.94
CA VAL A 78 -16.61 -17.25 13.12
C VAL A 78 -17.04 -18.66 13.57
N ARG A 79 -16.06 -19.56 13.68
CA ARG A 79 -16.36 -20.96 13.98
C ARG A 79 -16.90 -21.15 15.40
N GLU A 80 -16.48 -20.29 16.33
CA GLU A 80 -16.96 -20.43 17.72
C GLU A 80 -18.45 -20.14 17.82
N ARG A 81 -18.98 -19.46 16.82
CA ARG A 81 -20.40 -19.16 16.77
C ARG A 81 -21.16 -20.13 15.86
N GLY A 82 -20.46 -21.16 15.41
CA GLY A 82 -21.08 -22.18 14.59
C GLY A 82 -21.41 -21.68 13.20
N LEU A 83 -20.70 -20.64 12.77
CA LEU A 83 -20.88 -20.11 11.42
C LEU A 83 -19.70 -20.49 10.56
N ASN A 84 -19.80 -20.22 9.27
CA ASN A 84 -18.73 -20.58 8.36
C ASN A 84 -18.57 -19.58 7.22
N ALA A 85 -19.15 -18.38 7.37
CA ALA A 85 -19.10 -17.38 6.31
C ALA A 85 -18.74 -15.99 6.82
N ILE A 86 -17.89 -15.31 6.05
CA ILE A 86 -17.49 -13.92 6.29
C ILE A 86 -18.08 -13.11 5.15
N VAL A 87 -18.62 -11.93 5.41
CA VAL A 87 -19.08 -11.03 4.34
C VAL A 87 -18.35 -9.70 4.46
N LYS A 88 -17.77 -9.26 3.36
CA LYS A 88 -16.97 -8.04 3.30
C LYS A 88 -17.31 -7.22 2.07
N GLY A 89 -17.38 -5.91 2.20
CA GLY A 89 -17.51 -5.06 1.02
C GLY A 89 -16.18 -4.82 0.33
N LEU A 90 -16.21 -4.63 -0.99
CA LEU A 90 -15.02 -4.26 -1.79
C LEU A 90 -15.30 -3.03 -2.60
N ARG A 91 -14.31 -2.14 -2.67
CA ARG A 91 -14.44 -0.95 -3.51
C ARG A 91 -13.65 -1.03 -4.80
N THR A 92 -12.42 -1.53 -4.70
CA THR A 92 -11.53 -1.53 -5.86
C THR A 92 -10.90 -2.88 -6.16
N GLY A 93 -10.30 -3.01 -7.33
CA GLY A 93 -9.52 -4.18 -7.67
C GLY A 93 -8.38 -4.41 -6.67
N THR A 94 -7.82 -3.34 -6.14
CA THR A 94 -6.80 -3.45 -5.10
C THR A 94 -7.35 -4.08 -3.82
N ASP A 95 -8.52 -3.63 -3.38
CA ASP A 95 -9.24 -4.29 -2.29
C ASP A 95 -9.39 -5.77 -2.60
N PHE A 96 -9.75 -6.08 -3.84
CA PHE A 96 -10.02 -7.48 -4.18
C PHE A 96 -8.77 -8.33 -4.11
N GLU A 97 -7.66 -7.83 -4.63
CA GLU A 97 -6.40 -8.60 -4.59
C GLU A 97 -6.02 -8.91 -3.13
N TYR A 98 -6.11 -7.91 -2.28
CA TYR A 98 -5.82 -8.08 -0.86
C TYR A 98 -6.75 -9.08 -0.22
N GLU A 99 -8.05 -8.87 -0.41
CA GLU A 99 -9.03 -9.70 0.27
C GLU A 99 -9.09 -11.13 -0.29
N LEU A 100 -8.73 -11.29 -1.56
CA LEU A 100 -8.68 -12.63 -2.13
C LEU A 100 -7.61 -13.46 -1.42
N GLN A 101 -6.45 -12.87 -1.15
CA GLN A 101 -5.37 -13.55 -0.42
CA GLN A 101 -5.42 -13.62 -0.46
C GLN A 101 -5.86 -13.97 0.95
N MET A 102 -6.50 -13.04 1.63
CA MET A 102 -7.00 -13.31 2.99
C MET A 102 -8.07 -14.39 2.98
N ALA A 103 -8.96 -14.32 2.00
CA ALA A 103 -10.05 -15.29 1.91
C ALA A 103 -9.51 -16.68 1.65
N GLN A 104 -8.49 -16.78 0.80
CA GLN A 104 -7.94 -18.08 0.45
C GLN A 104 -7.17 -18.64 1.66
N MET A 105 -6.48 -17.77 2.39
CA MET A 105 -5.79 -18.21 3.61
C MET A 105 -6.81 -18.68 4.64
N ASN A 106 -7.89 -17.93 4.81
CA ASN A 106 -8.89 -18.29 5.82
C ASN A 106 -9.60 -19.59 5.50
N LYS A 107 -9.84 -19.84 4.21
CA LYS A 107 -10.42 -21.11 3.79
C LYS A 107 -9.42 -22.26 4.01
N HIS A 108 -8.14 -22.00 3.71
CA HIS A 108 -7.08 -22.98 3.90
C HIS A 108 -6.96 -23.41 5.36
N ILE A 109 -6.95 -22.45 6.28
CA ILE A 109 -6.62 -22.80 7.66
C ILE A 109 -7.83 -23.26 8.46
N ALA A 110 -9.04 -22.95 8.00
CA ALA A 110 -10.23 -23.22 8.84
C ALA A 110 -11.47 -23.64 8.07
N GLY A 111 -11.40 -23.62 6.74
CA GLY A 111 -12.54 -23.97 5.94
C GLY A 111 -13.67 -22.95 5.94
N VAL A 112 -13.37 -21.75 6.44
CA VAL A 112 -14.35 -20.67 6.46
C VAL A 112 -14.40 -19.96 5.11
N ASP A 113 -15.61 -19.73 4.60
CA ASP A 113 -15.78 -19.07 3.30
C ASP A 113 -15.94 -17.57 3.42
N THR A 114 -15.62 -16.85 2.35
CA THR A 114 -15.80 -15.40 2.33
C THR A 114 -16.62 -14.98 1.12
N PHE A 115 -17.62 -14.15 1.37
CA PHE A 115 -18.45 -13.61 0.30
C PHE A 115 -18.23 -12.13 0.27
N PHE A 116 -18.03 -11.61 -0.94
CA PHE A 116 -17.80 -10.19 -1.10
C PHE A 116 -18.98 -9.53 -1.73
N VAL A 117 -19.11 -8.25 -1.45
CA VAL A 117 -20.19 -7.47 -2.04
CA VAL A 117 -20.19 -7.45 -1.98
C VAL A 117 -19.60 -6.16 -2.55
N ALA A 118 -20.10 -5.69 -3.69
CA ALA A 118 -19.60 -4.42 -4.23
C ALA A 118 -20.12 -3.23 -3.43
N THR A 119 -19.25 -2.26 -3.19
CA THR A 119 -19.65 -1.00 -2.54
C THR A 119 -20.85 -0.38 -3.27
N ALA A 120 -21.71 0.32 -2.51
CA ALA A 120 -22.69 1.20 -3.13
C ALA A 120 -21.92 2.28 -3.86
N PRO A 121 -22.35 2.61 -5.09
CA PRO A 121 -21.63 3.67 -5.81
C PRO A 121 -21.46 4.97 -5.01
N ALA A 122 -22.47 5.36 -4.25
CA ALA A 122 -22.43 6.65 -3.56
C ALA A 122 -21.32 6.74 -2.51
N TYR A 123 -20.92 5.59 -1.97
CA TYR A 123 -19.96 5.54 -0.85
C TYR A 123 -18.65 4.89 -1.25
N SER A 124 -18.40 4.80 -2.55
CA SER A 124 -17.25 4.05 -3.04
C SER A 124 -15.91 4.63 -2.56
N PHE A 125 -15.88 5.94 -2.30
CA PHE A 125 -14.66 6.64 -1.89
C PHE A 125 -14.53 6.77 -0.37
N VAL A 126 -15.50 6.23 0.36
CA VAL A 126 -15.55 6.39 1.80
C VAL A 126 -14.76 5.30 2.50
N SER A 127 -13.88 5.70 3.43
CA SER A 127 -13.25 4.78 4.36
C SER A 127 -13.17 5.47 5.70
N SER A 128 -13.18 4.68 6.78
CA SER A 128 -13.00 5.24 8.10
C SER A 128 -11.74 6.10 8.18
N SER A 129 -10.65 5.58 7.65
CA SER A 129 -9.36 6.26 7.75
CA SER A 129 -9.37 6.27 7.76
C SER A 129 -9.39 7.62 7.06
N LEU A 130 -9.94 7.67 5.85
CA LEU A 130 -9.92 8.92 5.10
C LEU A 130 -10.88 9.91 5.72
N ALA A 131 -12.03 9.41 6.18
CA ALA A 131 -12.99 10.27 6.86
C ALA A 131 -12.36 10.91 8.10
N LYS A 132 -11.62 10.13 8.88
CA LYS A 132 -10.94 10.69 10.06
C LYS A 132 -9.90 11.73 9.65
N GLU A 133 -9.13 11.41 8.61
CA GLU A 133 -8.11 12.36 8.14
C GLU A 133 -8.71 13.67 7.68
N VAL A 134 -9.76 13.58 6.87
CA VAL A 134 -10.42 14.78 6.36
C VAL A 134 -10.99 15.59 7.51
N ALA A 135 -11.65 14.92 8.46
CA ALA A 135 -12.28 15.63 9.58
C ALA A 135 -11.23 16.27 10.47
N THR A 136 -10.08 15.63 10.61
CA THR A 136 -9.00 16.18 11.43
C THR A 136 -8.60 17.57 10.93
N TYR A 137 -8.68 17.77 9.61
CA TYR A 137 -8.31 19.08 9.06
C TYR A 137 -9.52 19.94 8.71
N GLY A 138 -10.68 19.57 9.24
CA GLY A 138 -11.87 20.40 9.15
C GLY A 138 -12.78 20.19 7.95
N GLY A 139 -12.54 19.14 7.18
CA GLY A 139 -13.40 18.87 6.04
C GLY A 139 -14.74 18.30 6.46
N ASP A 140 -15.76 18.57 5.66
CA ASP A 140 -17.14 18.20 6.01
C ASP A 140 -17.46 16.77 5.58
N VAL A 141 -17.50 15.87 6.57
CA VAL A 141 -17.78 14.46 6.30
C VAL A 141 -19.15 14.04 6.84
N SER A 142 -20.00 15.03 7.13
CA SER A 142 -21.32 14.75 7.70
C SER A 142 -22.20 13.81 6.85
N ALA A 143 -22.04 13.86 5.54
CA ALA A 143 -22.89 13.06 4.67
C ALA A 143 -22.34 11.65 4.43
N LEU A 144 -21.23 11.32 5.09
CA LEU A 144 -20.55 10.06 4.84
C LEU A 144 -20.65 9.12 6.03
N LEU A 145 -21.20 9.64 7.12
CA LEU A 145 -21.24 8.92 8.40
C LEU A 145 -22.64 8.96 8.94
N PRO A 146 -23.04 7.91 9.68
CA PRO A 146 -24.38 7.98 10.30
C PRO A 146 -24.43 9.02 11.41
N ALA A 147 -25.64 9.41 11.77
CA ALA A 147 -25.83 10.41 12.82
C ALA A 147 -25.20 9.95 14.13
N SER A 148 -25.19 8.65 14.37
CA SER A 148 -24.65 8.11 15.63
C SER A 148 -23.15 8.34 15.74
N VAL A 149 -22.53 8.70 14.62
CA VAL A 149 -21.09 8.82 14.54
C VAL A 149 -20.55 10.26 14.42
N HIS A 150 -21.19 11.08 13.59
CA HIS A 150 -20.55 12.31 13.13
C HIS A 150 -20.10 13.26 14.25
N GLN A 151 -21.02 13.57 15.16
CA GLN A 151 -20.67 14.55 16.19
C GLN A 151 -19.75 13.96 17.24
N ARG A 152 -19.88 12.66 17.52
CA ARG A 152 -18.93 11.97 18.40
CA ARG A 152 -18.93 11.98 18.40
C ARG A 152 -17.52 12.06 17.84
N LEU A 153 -17.41 11.95 16.52
CA LEU A 153 -16.11 12.08 15.86
C LEU A 153 -15.57 13.50 16.03
N LEU A 154 -16.41 14.50 15.78
CA LEU A 154 -15.97 15.87 15.95
C LEU A 154 -15.54 16.12 17.40
N GLY A 155 -16.23 15.48 18.33
CA GLY A 155 -15.88 15.58 19.73
C GLY A 155 -14.49 15.03 20.05
N LYS A 156 -14.19 13.84 19.53
CA LYS A 156 -12.86 13.25 19.71
C LYS A 156 -11.77 14.19 19.21
N LEU A 157 -12.03 14.84 18.09
CA LEU A 157 -11.02 15.65 17.44
C LEU A 157 -10.76 16.94 18.20
N ARG A 158 -11.78 17.41 18.92
CA ARG A 158 -11.63 18.61 19.73
C ARG A 158 -11.37 18.26 21.20
N MET B 2 -10.83 33.52 -15.91
CA MET B 2 -9.42 33.11 -15.75
C MET B 2 -9.30 31.76 -15.05
N THR B 3 -8.89 30.76 -15.82
CA THR B 3 -8.79 29.38 -15.37
C THR B 3 -7.56 29.18 -14.48
N GLY B 4 -7.58 28.17 -13.61
CA GLY B 4 -6.41 27.92 -12.79
C GLY B 4 -6.45 26.62 -12.01
N ALA B 5 -5.28 26.10 -11.66
CA ALA B 5 -5.23 24.86 -10.88
C ALA B 5 -4.04 24.81 -9.92
N VAL B 6 -4.17 24.01 -8.86
CA VAL B 6 -3.12 23.76 -7.89
C VAL B 6 -2.47 22.39 -8.14
N CYS B 7 -1.14 22.36 -8.15
CA CYS B 7 -0.41 21.12 -8.29
CA CYS B 7 -0.39 21.12 -8.30
C CYS B 7 0.30 20.79 -6.98
N PRO B 8 -0.31 19.89 -6.16
CA PRO B 8 0.22 19.61 -4.82
C PRO B 8 1.22 18.46 -4.75
N GLY B 9 2.10 18.51 -3.77
CA GLY B 9 3.06 17.45 -3.53
C GLY B 9 4.01 17.79 -2.41
N SER B 10 4.82 16.82 -1.99
CA SER B 10 5.92 17.12 -1.10
C SER B 10 7.15 17.61 -1.89
N PHE B 11 7.29 17.14 -3.13
CA PHE B 11 8.39 17.51 -4.03
C PHE B 11 9.75 17.54 -3.33
N ASP B 12 10.16 16.39 -2.81
CA ASP B 12 11.34 16.29 -1.93
C ASP B 12 12.34 15.27 -2.47
N PRO B 13 13.03 15.59 -3.58
CA PRO B 13 12.98 16.82 -4.36
C PRO B 13 12.10 16.71 -5.60
N VAL B 14 11.87 17.83 -6.26
CA VAL B 14 11.16 17.81 -7.53
C VAL B 14 11.96 16.95 -8.52
N THR B 15 11.24 16.18 -9.35
CA THR B 15 11.87 15.35 -10.39
C THR B 15 11.46 15.81 -11.80
N LEU B 16 12.07 15.21 -12.81
CA LEU B 16 11.71 15.53 -14.19
C LEU B 16 10.28 15.05 -14.50
N GLY B 17 9.83 14.04 -13.77
CA GLY B 17 8.43 13.63 -13.89
C GLY B 17 7.48 14.72 -13.44
N HIS B 18 7.76 15.29 -12.27
CA HIS B 18 7.00 16.43 -11.77
C HIS B 18 7.04 17.59 -12.76
N LEU B 19 8.24 17.93 -13.21
CA LEU B 19 8.41 19.08 -14.10
C LEU B 19 7.56 18.92 -15.36
N ASP B 20 7.50 17.71 -15.88
CA ASP B 20 6.71 17.45 -17.07
C ASP B 20 5.23 17.73 -16.81
N VAL B 21 4.75 17.35 -15.63
CA VAL B 21 3.39 17.67 -15.25
C VAL B 21 3.20 19.19 -15.12
N PHE B 22 4.12 19.87 -14.46
CA PHE B 22 4.05 21.33 -14.32
C PHE B 22 3.93 22.04 -15.68
N GLU B 23 4.75 21.60 -16.63
CA GLU B 23 4.79 22.24 -17.95
C GLU B 23 3.48 22.05 -18.68
N ARG B 24 2.91 20.86 -18.55
CA ARG B 24 1.69 20.58 -19.27
C ARG B 24 0.51 21.31 -18.61
N ALA B 25 0.53 21.41 -17.29
CA ALA B 25 -0.51 22.17 -16.60
C ALA B 25 -0.44 23.66 -16.94
N ALA B 26 0.77 24.19 -16.95
CA ALA B 26 0.95 25.63 -17.25
C ALA B 26 0.55 25.96 -18.68
N ALA B 27 0.60 24.96 -19.56
CA ALA B 27 0.23 25.17 -20.96
C ALA B 27 -1.29 25.27 -21.12
N GLN B 28 -2.04 24.71 -20.17
CA GLN B 28 -3.48 24.58 -20.34
C GLN B 28 -4.35 25.41 -19.41
N PHE B 29 -3.78 25.86 -18.30
CA PHE B 29 -4.52 26.68 -17.32
C PHE B 29 -3.94 28.11 -17.32
N ASP B 30 -4.76 29.13 -17.07
CA ASP B 30 -4.25 30.49 -17.04
C ASP B 30 -3.22 30.68 -15.93
N GLU B 31 -3.44 30.03 -14.79
CA GLU B 31 -2.45 30.05 -13.72
C GLU B 31 -2.32 28.69 -13.05
N VAL B 32 -1.12 28.39 -12.61
CA VAL B 32 -0.85 27.19 -11.85
C VAL B 32 -0.12 27.58 -10.57
N ILE B 33 -0.56 27.02 -9.45
CA ILE B 33 0.16 27.15 -8.20
C ILE B 33 0.69 25.80 -7.80
N VAL B 34 2.00 25.68 -7.68
CA VAL B 34 2.58 24.47 -7.16
C VAL B 34 2.59 24.61 -5.64
N ALA B 35 1.89 23.69 -4.96
CA ALA B 35 1.75 23.73 -3.52
C ALA B 35 2.70 22.72 -2.90
N VAL B 36 3.72 23.21 -2.20
CA VAL B 36 4.71 22.33 -1.53
C VAL B 36 4.15 22.05 -0.15
N LEU B 37 3.69 20.82 0.05
CA LEU B 37 2.92 20.50 1.27
C LEU B 37 3.84 20.19 2.44
N ILE B 38 3.69 20.96 3.53
CA ILE B 38 4.55 20.76 4.71
C ILE B 38 3.90 19.77 5.68
N ASN B 39 4.65 18.76 6.11
CA ASN B 39 4.15 17.81 7.12
C ASN B 39 5.08 17.92 8.31
N PRO B 40 4.61 18.43 9.47
CA PRO B 40 5.48 18.65 10.62
C PRO B 40 6.12 17.36 11.15
N ASN B 41 5.41 16.24 11.07
CA ASN B 41 5.92 14.98 11.67
C ASN B 41 6.93 14.32 10.73
N LYS B 42 6.99 14.73 9.47
CA LYS B 42 7.96 14.05 8.58
C LYS B 42 8.88 15.05 7.89
N ALA B 43 9.95 15.40 8.56
CA ALA B 43 10.91 16.25 7.88
C ALA B 43 11.60 15.39 6.82
N GLY B 44 11.47 15.81 5.57
CA GLY B 44 12.10 15.08 4.48
C GLY B 44 13.58 15.38 4.40
N MET B 45 14.14 15.19 3.23
CA MET B 45 15.54 15.47 2.99
C MET B 45 15.80 16.97 2.85
N PHE B 46 14.91 17.67 2.13
CA PHE B 46 15.07 19.10 1.90
C PHE B 46 14.06 19.90 2.72
N THR B 47 14.46 21.10 3.16
CA THR B 47 13.51 21.98 3.84
C THR B 47 12.52 22.47 2.81
N VAL B 48 11.36 22.95 3.26
CA VAL B 48 10.34 23.49 2.38
C VAL B 48 10.89 24.62 1.53
N ASP B 49 11.71 25.48 2.13
CA ASP B 49 12.29 26.59 1.37
C ASP B 49 13.25 26.10 0.30
N GLU B 50 14.02 25.06 0.62
CA GLU B 50 14.92 24.48 -0.36
C GLU B 50 14.12 23.88 -1.52
N ARG B 51 13.03 23.19 -1.18
CA ARG B 51 12.15 22.59 -2.19
C ARG B 51 11.54 23.64 -3.09
N ILE B 52 11.08 24.73 -2.49
CA ILE B 52 10.49 25.83 -3.28
C ILE B 52 11.52 26.42 -4.24
N GLU B 53 12.74 26.61 -3.77
CA GLU B 53 13.76 27.20 -4.64
C GLU B 53 14.13 26.25 -5.78
N MET B 54 14.19 24.95 -5.50
CA MET B 54 14.51 23.99 -6.55
C MET B 54 13.42 23.97 -7.62
N ILE B 55 12.17 24.12 -7.22
CA ILE B 55 11.08 24.15 -8.19
C ILE B 55 11.14 25.47 -8.98
N ARG B 56 11.39 26.58 -8.29
CA ARG B 56 11.45 27.88 -8.99
C ARG B 56 12.54 27.89 -10.04
N GLU B 57 13.68 27.27 -9.74
CA GLU B 57 14.76 27.24 -10.69
C GLU B 57 14.39 26.38 -11.90
N SER B 58 13.69 25.28 -11.66
CA SER B 58 13.33 24.36 -12.74
C SER B 58 12.16 24.86 -13.60
N THR B 59 11.38 25.80 -13.07
CA THR B 59 10.21 26.33 -13.76
C THR B 59 10.37 27.78 -14.17
N ALA B 60 11.62 28.22 -14.32
CA ALA B 60 11.89 29.62 -14.63
C ALA B 60 11.21 30.09 -15.92
N ASP B 61 10.95 29.18 -16.86
CA ASP B 61 10.35 29.61 -18.12
CA ASP B 61 10.36 29.54 -18.14
C ASP B 61 8.83 29.45 -18.14
N LEU B 62 8.23 29.23 -16.97
CA LEU B 62 6.77 29.14 -16.86
C LEU B 62 6.19 30.36 -16.13
N PRO B 63 5.85 31.42 -16.88
CA PRO B 63 5.54 32.67 -16.17
C PRO B 63 4.22 32.65 -15.42
N ASN B 64 3.31 31.74 -15.78
CA ASN B 64 2.01 31.71 -15.13
C ASN B 64 1.96 30.68 -14.01
N LEU B 65 3.11 30.10 -13.69
CA LEU B 65 3.22 29.14 -12.60
C LEU B 65 3.96 29.79 -11.44
N ARG B 66 3.38 29.69 -10.24
CA ARG B 66 3.97 30.19 -9.00
C ARG B 66 4.11 29.05 -8.03
N VAL B 67 5.01 29.20 -7.06
CA VAL B 67 5.28 28.14 -6.07
C VAL B 67 5.05 28.69 -4.66
N GLU B 68 4.29 27.97 -3.83
CA GLU B 68 4.02 28.36 -2.46
C GLU B 68 4.05 27.16 -1.54
N SER B 69 4.28 27.38 -0.25
CA SER B 69 4.15 26.30 0.71
C SER B 69 2.71 26.20 1.16
N GLY B 70 2.31 25.02 1.59
CA GLY B 70 0.95 24.81 2.01
C GLY B 70 0.89 23.88 3.19
N GLN B 71 -0.18 24.00 3.96
CA GLN B 71 -0.39 23.16 5.12
C GLN B 71 -1.89 22.92 5.29
N GLY B 72 -2.23 21.74 5.83
CA GLY B 72 -3.61 21.46 6.16
C GLY B 72 -4.41 20.92 4.99
N LEU B 73 -5.72 21.16 5.04
CA LEU B 73 -6.65 20.61 4.07
C LEU B 73 -6.42 21.22 2.70
N LEU B 74 -6.12 20.37 1.72
CA LEU B 74 -5.78 20.88 0.38
C LEU B 74 -6.90 21.70 -0.25
N VAL B 75 -8.16 21.26 -0.14
CA VAL B 75 -9.25 22.02 -0.75
C VAL B 75 -9.43 23.41 -0.11
N ASP B 76 -8.98 23.59 1.14
CA ASP B 76 -8.95 24.94 1.72
C ASP B 76 -7.89 25.79 1.03
N PHE B 77 -6.70 25.21 0.84
CA PHE B 77 -5.62 25.91 0.15
C PHE B 77 -6.09 26.38 -1.23
N VAL B 78 -6.77 25.49 -1.95
CA VAL B 78 -7.26 25.78 -3.32
C VAL B 78 -8.29 26.89 -3.28
N ARG B 79 -9.31 26.75 -2.44
CA ARG B 79 -10.40 27.75 -2.42
C ARG B 79 -9.92 29.11 -1.89
N GLU B 80 -8.97 29.12 -0.97
CA GLU B 80 -8.45 30.38 -0.39
C GLU B 80 -7.74 31.20 -1.47
N ARG B 81 -7.34 30.54 -2.55
CA ARG B 81 -6.68 31.25 -3.64
C ARG B 81 -7.61 31.50 -4.83
N GLY B 82 -8.91 31.32 -4.58
CA GLY B 82 -9.92 31.58 -5.59
C GLY B 82 -9.94 30.58 -6.73
N LEU B 83 -9.36 29.40 -6.49
CA LEU B 83 -9.31 28.37 -7.52
C LEU B 83 -10.25 27.24 -7.14
N ASN B 84 -10.47 26.32 -8.07
CA ASN B 84 -11.28 25.15 -7.70
CA ASN B 84 -11.37 25.20 -7.85
C ASN B 84 -10.92 23.91 -8.51
N ALA B 85 -9.63 23.80 -8.84
CA ALA B 85 -9.11 22.63 -9.52
C ALA B 85 -7.74 22.25 -8.99
N ILE B 86 -7.52 20.94 -8.90
CA ILE B 86 -6.24 20.32 -8.58
C ILE B 86 -5.75 19.61 -9.83
N VAL B 87 -4.45 19.64 -10.13
CA VAL B 87 -3.87 18.82 -11.21
C VAL B 87 -2.77 17.93 -10.67
N LYS B 88 -2.80 16.66 -11.02
CA LYS B 88 -1.80 15.71 -10.53
C LYS B 88 -1.40 14.74 -11.63
N GLY B 89 -0.16 14.27 -11.60
CA GLY B 89 0.24 13.24 -12.56
C GLY B 89 -0.08 11.86 -12.02
N LEU B 90 -0.30 10.91 -12.92
CA LEU B 90 -0.53 9.50 -12.59
C LEU B 90 0.43 8.61 -13.36
N ARG B 91 1.01 7.59 -12.71
CA ARG B 91 1.91 6.67 -13.40
C ARG B 91 1.23 5.34 -13.68
N THR B 92 0.54 4.82 -12.67
CA THR B 92 -0.02 3.47 -12.79
C THR B 92 -1.47 3.41 -12.39
N GLY B 93 -2.11 2.29 -12.72
CA GLY B 93 -3.45 2.00 -12.26
C GLY B 93 -3.68 2.14 -10.76
N THR B 94 -2.68 1.83 -9.94
N THR B 94 -2.70 1.81 -9.92
CA THR B 94 -2.83 1.93 -8.49
CA THR B 94 -2.90 1.97 -8.49
C THR B 94 -2.64 3.38 -8.03
C THR B 94 -2.75 3.43 -8.08
N ASP B 95 -1.97 4.19 -8.84
CA ASP B 95 -1.94 5.64 -8.62
C ASP B 95 -3.38 6.12 -8.83
N PHE B 96 -3.99 5.63 -9.90
CA PHE B 96 -5.36 6.09 -10.25
C PHE B 96 -6.35 5.68 -9.16
N GLU B 97 -6.28 4.44 -8.67
CA GLU B 97 -7.26 4.00 -7.67
C GLU B 97 -7.14 4.87 -6.42
N TYR B 98 -5.92 5.16 -6.00
CA TYR B 98 -5.74 6.01 -4.80
C TYR B 98 -6.24 7.43 -5.06
N GLU B 99 -5.85 7.99 -6.20
CA GLU B 99 -6.19 9.37 -6.48
C GLU B 99 -7.67 9.54 -6.80
N LEU B 100 -8.29 8.51 -7.38
CA LEU B 100 -9.71 8.60 -7.67
C LEU B 100 -10.51 8.78 -6.38
N GLN B 101 -10.15 8.03 -5.33
CA GLN B 101 -10.82 8.15 -4.02
CA GLN B 101 -10.90 8.17 -4.09
C GLN B 101 -10.66 9.56 -3.46
N MET B 102 -9.42 10.04 -3.50
CA MET B 102 -9.11 11.37 -2.99
C MET B 102 -9.85 12.45 -3.80
N ALA B 103 -9.91 12.27 -5.11
CA ALA B 103 -10.57 13.26 -5.95
C ALA B 103 -12.07 13.27 -5.69
N GLN B 104 -12.66 12.10 -5.52
CA GLN B 104 -14.09 12.05 -5.25
C GLN B 104 -14.39 12.65 -3.88
N MET B 105 -13.51 12.40 -2.91
CA MET B 105 -13.65 12.98 -1.58
C MET B 105 -13.53 14.48 -1.62
N ASN B 106 -12.53 14.97 -2.35
CA ASN B 106 -12.32 16.42 -2.44
C ASN B 106 -13.46 17.13 -3.15
N LYS B 107 -14.04 16.47 -4.16
CA LYS B 107 -15.18 17.07 -4.84
C LYS B 107 -16.41 17.06 -3.92
N HIS B 108 -16.59 16.00 -3.15
CA HIS B 108 -17.72 15.90 -2.24
C HIS B 108 -17.65 16.95 -1.14
N ILE B 109 -16.49 17.14 -0.55
CA ILE B 109 -16.42 17.97 0.65
C ILE B 109 -16.33 19.46 0.31
N ALA B 110 -15.90 19.81 -0.90
CA ALA B 110 -15.64 21.22 -1.17
C ALA B 110 -15.96 21.67 -2.60
N GLY B 111 -16.36 20.73 -3.45
CA GLY B 111 -16.71 21.08 -4.83
C GLY B 111 -15.49 21.33 -5.71
N VAL B 112 -14.31 21.00 -5.21
CA VAL B 112 -13.07 21.20 -5.96
C VAL B 112 -12.84 19.99 -6.87
N ASP B 113 -12.54 20.24 -8.14
CA ASP B 113 -12.34 19.15 -9.09
C ASP B 113 -10.88 18.81 -9.24
N THR B 114 -10.62 17.64 -9.82
CA THR B 114 -9.25 17.20 -10.04
C THR B 114 -9.05 16.70 -11.44
N PHE B 115 -7.99 17.19 -12.08
CA PHE B 115 -7.61 16.75 -13.41
C PHE B 115 -6.30 16.01 -13.30
N PHE B 116 -6.24 14.86 -13.96
CA PHE B 116 -5.04 14.03 -13.96
C PHE B 116 -4.37 14.05 -15.31
N VAL B 117 -3.05 13.93 -15.33
CA VAL B 117 -2.36 13.68 -16.59
C VAL B 117 -1.54 12.41 -16.46
N ALA B 118 -1.38 11.71 -17.58
CA ALA B 118 -0.54 10.54 -17.61
C ALA B 118 0.93 10.95 -17.63
N THR B 119 1.73 10.21 -16.88
CA THR B 119 3.17 10.41 -16.86
C THR B 119 3.77 10.42 -18.28
N ALA B 120 4.86 11.15 -18.47
CA ALA B 120 5.65 10.97 -19.67
C ALA B 120 6.24 9.57 -19.65
N PRO B 121 6.23 8.87 -20.79
CA PRO B 121 6.78 7.50 -20.79
C PRO B 121 8.18 7.40 -20.19
N ALA B 122 9.05 8.35 -20.52
CA ALA B 122 10.44 8.31 -20.08
C ALA B 122 10.61 8.37 -18.57
N TYR B 123 9.63 8.92 -17.86
CA TYR B 123 9.75 9.15 -16.42
C TYR B 123 8.73 8.37 -15.61
N SER B 124 8.18 7.32 -16.20
CA SER B 124 7.09 6.58 -15.61
C SER B 124 7.51 5.89 -14.32
N PHE B 125 8.80 5.59 -14.21
CA PHE B 125 9.32 4.86 -13.06
C PHE B 125 9.95 5.78 -12.02
N VAL B 126 10.00 7.08 -12.26
CA VAL B 126 10.69 7.96 -11.31
CA VAL B 126 10.70 7.89 -11.26
C VAL B 126 9.73 8.44 -10.21
N SER B 127 10.23 8.43 -8.97
CA SER B 127 9.55 9.03 -7.84
C SER B 127 10.66 9.69 -7.04
N SER B 128 10.30 10.68 -6.24
CA SER B 128 11.29 11.34 -5.38
C SER B 128 11.88 10.33 -4.40
N SER B 129 11.03 9.50 -3.82
CA SER B 129 11.47 8.55 -2.81
CA SER B 129 11.48 8.57 -2.80
C SER B 129 12.46 7.54 -3.37
N LEU B 130 12.15 6.98 -4.53
CA LEU B 130 13.05 5.97 -5.11
C LEU B 130 14.35 6.62 -5.60
N ALA B 131 14.26 7.81 -6.20
CA ALA B 131 15.45 8.54 -6.61
C ALA B 131 16.39 8.78 -5.42
N LYS B 132 15.82 9.20 -4.29
CA LYS B 132 16.62 9.45 -3.09
C LYS B 132 17.27 8.16 -2.59
N GLU B 133 16.50 7.08 -2.57
CA GLU B 133 17.00 5.79 -2.10
C GLU B 133 18.15 5.30 -2.96
N VAL B 134 17.96 5.34 -4.27
CA VAL B 134 19.00 4.94 -5.21
C VAL B 134 20.25 5.81 -5.04
N ALA B 135 20.05 7.12 -4.91
CA ALA B 135 21.17 8.05 -4.80
C ALA B 135 21.96 7.84 -3.51
N THR B 136 21.24 7.52 -2.45
CA THR B 136 21.83 7.31 -1.13
C THR B 136 22.86 6.18 -1.19
N TYR B 137 22.57 5.16 -2.00
CA TYR B 137 23.48 4.02 -2.13
C TYR B 137 24.37 4.09 -3.36
N GLY B 138 24.53 5.29 -3.92
CA GLY B 138 25.51 5.52 -4.95
C GLY B 138 25.04 5.36 -6.39
N GLY B 139 23.75 5.15 -6.59
CA GLY B 139 23.20 5.04 -7.92
C GLY B 139 23.14 6.39 -8.60
N ASP B 140 23.26 6.39 -9.92
CA ASP B 140 23.25 7.62 -10.70
C ASP B 140 21.84 7.98 -11.19
N VAL B 141 21.24 8.98 -10.56
CA VAL B 141 19.89 9.42 -10.92
C VAL B 141 19.90 10.77 -11.61
N SER B 142 21.03 11.15 -12.19
CA SER B 142 21.19 12.47 -12.78
C SER B 142 20.26 12.70 -13.98
N ALA B 143 19.91 11.64 -14.71
CA ALA B 143 19.04 11.77 -15.87
C ALA B 143 17.56 11.86 -15.48
N LEU B 144 17.27 11.79 -14.19
CA LEU B 144 15.90 11.74 -13.69
C LEU B 144 15.47 13.01 -12.96
N LEU B 145 16.44 13.89 -12.71
CA LEU B 145 16.22 15.08 -11.92
C LEU B 145 16.71 16.30 -12.69
N PRO B 146 16.11 17.47 -12.42
CA PRO B 146 16.62 18.71 -13.02
C PRO B 146 18.08 18.94 -12.60
N ALA B 147 18.85 19.58 -13.46
CA ALA B 147 20.29 19.77 -13.25
C ALA B 147 20.63 20.27 -11.85
N SER B 148 19.90 21.30 -11.41
CA SER B 148 20.16 21.97 -10.16
C SER B 148 19.89 21.10 -8.95
N VAL B 149 18.75 20.40 -9.00
CA VAL B 149 18.37 19.46 -7.96
C VAL B 149 19.48 18.45 -7.70
N HIS B 150 20.04 17.93 -8.79
CA HIS B 150 21.03 16.86 -8.68
C HIS B 150 22.26 17.35 -7.91
N GLN B 151 22.67 18.59 -8.19
CA GLN B 151 23.80 19.19 -7.48
C GLN B 151 23.53 19.31 -5.99
N ARG B 152 22.35 19.81 -5.63
CA ARG B 152 21.95 19.92 -4.22
C ARG B 152 21.85 18.56 -3.54
N LEU B 153 21.40 17.55 -4.28
CA LEU B 153 21.21 16.20 -3.74
C LEU B 153 22.55 15.57 -3.37
N LEU B 154 23.55 15.75 -4.23
CA LEU B 154 24.91 15.33 -3.94
C LEU B 154 25.39 15.97 -2.63
N GLY B 155 25.03 17.23 -2.45
CA GLY B 155 25.43 18.00 -1.27
C GLY B 155 24.87 17.42 0.01
N LYS B 156 23.60 17.00 0.00
CA LYS B 156 22.95 16.49 1.22
C LYS B 156 23.44 15.08 1.56
N LEU B 157 23.97 14.37 0.58
CA LEU B 157 24.45 12.99 0.84
C LEU B 157 25.84 13.05 1.49
N ARG B 158 26.57 14.15 1.34
CA ARG B 158 27.85 14.28 2.04
C ARG B 158 27.65 14.82 3.44
N MET C 2 27.38 -18.90 -20.10
CA MET C 2 27.36 -18.80 -18.64
C MET C 2 26.25 -17.86 -18.16
N THR C 3 25.03 -18.38 -18.10
CA THR C 3 23.88 -17.57 -17.72
C THR C 3 23.69 -17.58 -16.21
N GLY C 4 22.95 -16.62 -15.69
CA GLY C 4 22.84 -16.51 -14.25
C GLY C 4 21.84 -15.45 -13.84
N ALA C 5 21.22 -15.67 -12.68
CA ALA C 5 20.22 -14.74 -12.17
C ALA C 5 20.25 -14.69 -10.66
N VAL C 6 19.89 -13.54 -10.11
CA VAL C 6 19.79 -13.35 -8.67
C VAL C 6 18.32 -13.31 -8.25
N CYS C 7 17.97 -14.05 -7.19
CA CYS C 7 16.62 -13.99 -6.65
CA CYS C 7 16.61 -14.02 -6.64
C CYS C 7 16.63 -13.33 -5.28
N PRO C 8 16.20 -12.06 -5.22
CA PRO C 8 16.25 -11.30 -3.97
C PRO C 8 14.98 -11.36 -3.15
N GLY C 9 15.12 -11.13 -1.85
CA GLY C 9 14.00 -11.00 -0.94
C GLY C 9 14.51 -10.89 0.47
N SER C 10 13.59 -10.65 1.41
CA SER C 10 13.95 -10.68 2.82
C SER C 10 13.84 -12.11 3.35
N PHE C 11 12.98 -12.91 2.73
CA PHE C 11 12.80 -14.33 3.07
C PHE C 11 12.75 -14.60 4.58
N ASP C 12 11.78 -14.00 5.25
CA ASP C 12 11.70 -14.02 6.70
C ASP C 12 10.39 -14.65 7.20
N PRO C 13 10.22 -15.97 7.03
CA PRO C 13 11.10 -16.98 6.43
C PRO C 13 10.76 -17.28 4.98
N VAL C 14 11.64 -18.00 4.30
CA VAL C 14 11.34 -18.55 2.97
C VAL C 14 10.08 -19.41 3.03
N THR C 15 9.21 -19.27 2.03
CA THR C 15 7.99 -20.07 1.92
C THR C 15 8.06 -21.05 0.76
N LEU C 16 7.04 -21.91 0.61
CA LEU C 16 7.00 -22.82 -0.53
C LEU C 16 6.77 -22.03 -1.83
N GLY C 17 6.17 -20.84 -1.69
CA GLY C 17 6.02 -19.95 -2.84
C GLY C 17 7.37 -19.50 -3.36
N HIS C 18 8.26 -19.11 -2.45
CA HIS C 18 9.62 -18.73 -2.82
C HIS C 18 10.38 -19.89 -3.40
N LEU C 19 10.27 -21.04 -2.73
CA LEU C 19 11.01 -22.21 -3.16
C LEU C 19 10.64 -22.58 -4.59
N ASP C 20 9.37 -22.44 -4.93
CA ASP C 20 8.88 -22.73 -6.27
C ASP C 20 9.58 -21.81 -7.27
N VAL C 21 9.73 -20.54 -6.93
CA VAL C 21 10.41 -19.61 -7.82
C VAL C 21 11.89 -20.00 -7.96
N PHE C 22 12.52 -20.37 -6.84
CA PHE C 22 13.94 -20.75 -6.86
C PHE C 22 14.16 -21.93 -7.80
N GLU C 23 13.28 -22.93 -7.70
CA GLU C 23 13.38 -24.15 -8.50
C GLU C 23 13.26 -23.85 -9.98
N ARG C 24 12.33 -22.94 -10.30
CA ARG C 24 12.08 -22.56 -11.67
C ARG C 24 13.23 -21.72 -12.23
N ALA C 25 13.81 -20.84 -11.42
CA ALA C 25 14.96 -20.07 -11.88
C ALA C 25 16.15 -21.01 -12.08
N ALA C 26 16.34 -21.94 -11.15
CA ALA C 26 17.48 -22.86 -11.22
C ALA C 26 17.37 -23.79 -12.41
N ALA C 27 16.16 -24.01 -12.91
CA ALA C 27 15.97 -24.85 -14.08
C ALA C 27 16.27 -24.13 -15.40
N GLN C 28 16.35 -22.81 -15.37
CA GLN C 28 16.47 -22.04 -16.62
C GLN C 28 17.75 -21.21 -16.75
N PHE C 29 18.50 -21.09 -15.67
CA PHE C 29 19.76 -20.34 -15.66
C PHE C 29 20.86 -21.24 -15.11
N ASP C 30 22.08 -21.13 -15.64
CA ASP C 30 23.16 -22.00 -15.17
C ASP C 30 23.51 -21.77 -13.72
N GLU C 31 23.32 -20.55 -13.26
CA GLU C 31 23.73 -20.15 -11.92
C GLU C 31 22.64 -19.30 -11.28
N VAL C 32 22.20 -19.68 -10.08
CA VAL C 32 21.26 -18.84 -9.35
C VAL C 32 21.81 -18.46 -7.98
N ILE C 33 21.72 -17.18 -7.65
CA ILE C 33 22.08 -16.72 -6.33
C ILE C 33 20.85 -16.17 -5.63
N VAL C 34 20.53 -16.72 -4.47
CA VAL C 34 19.48 -16.15 -3.65
C VAL C 34 20.10 -15.11 -2.75
N ALA C 35 19.60 -13.88 -2.86
CA ALA C 35 20.11 -12.76 -2.10
C ALA C 35 19.19 -12.45 -0.94
N VAL C 36 19.66 -12.73 0.27
CA VAL C 36 18.89 -12.41 1.45
C VAL C 36 19.25 -11.02 1.88
N LEU C 37 18.32 -10.09 1.70
CA LEU C 37 18.64 -8.69 1.86
C LEU C 37 18.52 -8.28 3.30
N ILE C 38 19.64 -7.82 3.84
CA ILE C 38 19.68 -7.37 5.25
C ILE C 38 19.16 -5.93 5.28
N ASN C 39 18.17 -5.67 6.13
CA ASN C 39 17.64 -4.31 6.34
C ASN C 39 17.87 -4.05 7.83
N PRO C 40 18.53 -2.95 8.23
CA PRO C 40 18.73 -2.68 9.64
C PRO C 40 17.51 -1.99 10.26
N ASN C 41 16.57 -1.55 9.42
CA ASN C 41 15.34 -0.85 9.85
C ASN C 41 14.19 -1.86 10.00
N LYS C 42 14.55 -3.11 10.29
CA LYS C 42 13.62 -4.20 10.56
C LYS C 42 14.41 -5.47 10.80
N ALA C 43 14.50 -5.90 12.06
CA ALA C 43 15.17 -7.14 12.39
C ALA C 43 14.39 -8.34 11.85
N GLY C 44 13.07 -8.21 11.83
CA GLY C 44 12.22 -9.30 11.41
C GLY C 44 12.22 -10.41 12.45
N MET C 45 11.75 -11.59 12.07
CA MET C 45 11.64 -12.69 13.01
C MET C 45 12.92 -13.52 13.09
N PHE C 46 13.51 -13.79 11.93
CA PHE C 46 14.73 -14.60 11.86
C PHE C 46 15.94 -13.74 11.56
N THR C 47 17.10 -14.13 12.07
CA THR C 47 18.34 -13.44 11.74
C THR C 47 18.73 -13.75 10.30
N VAL C 48 19.57 -12.93 9.71
CA VAL C 48 20.05 -13.15 8.35
C VAL C 48 20.68 -14.53 8.24
N ASP C 49 21.45 -14.89 9.26
CA ASP C 49 22.09 -16.21 9.33
C ASP C 49 21.06 -17.34 9.33
N GLU C 50 20.00 -17.17 10.10
CA GLU C 50 18.95 -18.18 10.18
C GLU C 50 18.21 -18.31 8.87
N ARG C 51 17.95 -17.18 8.23
CA ARG C 51 17.23 -17.18 6.94
C ARG C 51 18.05 -17.88 5.87
N ILE C 52 19.33 -17.57 5.83
CA ILE C 52 20.24 -18.23 4.92
C ILE C 52 20.24 -19.73 5.13
N GLU C 53 20.34 -20.14 6.39
CA GLU C 53 20.36 -21.55 6.72
C GLU C 53 19.07 -22.26 6.27
N MET C 54 17.93 -21.62 6.51
CA MET C 54 16.64 -22.21 6.14
C MET C 54 16.53 -22.39 4.62
N ILE C 55 17.02 -21.41 3.87
CA ILE C 55 17.00 -21.52 2.42
C ILE C 55 17.94 -22.61 1.91
N ARG C 56 19.14 -22.68 2.50
CA ARG C 56 20.10 -23.70 2.10
C ARG C 56 19.54 -25.11 2.34
N GLU C 57 18.90 -25.31 3.50
CA GLU C 57 18.29 -26.60 3.82
C GLU C 57 17.22 -26.98 2.79
N SER C 58 16.43 -25.99 2.37
CA SER C 58 15.30 -26.22 1.49
C SER C 58 15.68 -26.38 0.02
N THR C 59 16.91 -25.97 -0.32
CA THR C 59 17.35 -26.00 -1.71
C THR C 59 18.49 -26.97 -1.97
N ALA C 60 18.61 -28.02 -1.15
CA ALA C 60 19.73 -28.94 -1.30
C ALA C 60 19.67 -29.70 -2.62
N ASP C 61 18.47 -29.88 -3.17
CA ASP C 61 18.31 -30.60 -4.42
C ASP C 61 18.56 -29.71 -5.64
N LEU C 62 19.06 -28.49 -5.41
CA LEU C 62 19.37 -27.57 -6.49
C LEU C 62 20.87 -27.27 -6.52
N PRO C 63 21.62 -28.04 -7.31
CA PRO C 63 23.08 -27.99 -7.36
C PRO C 63 23.64 -26.64 -7.84
N ASN C 64 22.88 -25.91 -8.64
CA ASN C 64 23.37 -24.67 -9.23
C ASN C 64 22.89 -23.40 -8.53
N LEU C 65 22.45 -23.55 -7.28
CA LEU C 65 21.96 -22.41 -6.49
C LEU C 65 22.79 -22.21 -5.24
N ARG C 66 23.15 -20.96 -4.96
CA ARG C 66 23.76 -20.63 -3.69
C ARG C 66 23.05 -19.46 -3.03
N VAL C 67 23.34 -19.27 -1.75
CA VAL C 67 22.62 -18.30 -0.93
C VAL C 67 23.61 -17.39 -0.23
N GLU C 68 23.38 -16.09 -0.35
CA GLU C 68 24.27 -15.11 0.23
C GLU C 68 23.47 -13.97 0.80
N SER C 69 23.99 -13.32 1.84
CA SER C 69 23.34 -12.12 2.36
C SER C 69 23.73 -10.95 1.50
N GLY C 70 22.93 -9.89 1.51
CA GLY C 70 23.22 -8.72 0.70
C GLY C 70 22.81 -7.42 1.36
N GLN C 71 23.56 -6.36 1.09
CA GLN C 71 23.21 -5.03 1.56
C GLN C 71 23.41 -4.02 0.45
N GLY C 72 22.78 -2.85 0.61
CA GLY C 72 22.94 -1.79 -0.37
C GLY C 72 22.15 -2.01 -1.63
N LEU C 73 22.58 -1.38 -2.72
CA LEU C 73 21.90 -1.48 -4.01
C LEU C 73 21.92 -2.90 -4.54
N LEU C 74 20.74 -3.44 -4.82
CA LEU C 74 20.66 -4.76 -5.41
C LEU C 74 21.43 -4.84 -6.73
N VAL C 75 21.37 -3.81 -7.55
CA VAL C 75 22.08 -3.90 -8.83
C VAL C 75 23.59 -4.01 -8.63
N ASP C 76 24.11 -3.44 -7.54
CA ASP C 76 25.53 -3.60 -7.24
C ASP C 76 25.84 -5.04 -6.84
N PHE C 77 24.94 -5.63 -6.04
CA PHE C 77 25.07 -7.03 -5.67
C PHE C 77 25.16 -7.90 -6.91
N VAL C 78 24.26 -7.64 -7.86
CA VAL C 78 24.17 -8.44 -9.05
C VAL C 78 25.42 -8.31 -9.93
N ARG C 79 25.82 -7.07 -10.18
CA ARG C 79 26.94 -6.80 -11.08
C ARG C 79 28.28 -7.18 -10.48
N GLU C 80 28.42 -7.11 -9.15
CA GLU C 80 29.68 -7.47 -8.50
C GLU C 80 29.93 -8.96 -8.57
N ARG C 81 28.87 -9.72 -8.88
CA ARG C 81 29.00 -11.15 -9.07
C ARG C 81 28.99 -11.55 -10.54
N GLY C 82 29.11 -10.56 -11.42
CA GLY C 82 29.25 -10.81 -12.84
C GLY C 82 27.95 -11.09 -13.57
N LEU C 83 26.83 -10.90 -12.87
CA LEU C 83 25.53 -11.19 -13.48
C LEU C 83 24.83 -9.89 -13.85
N ASN C 84 23.73 -9.99 -14.59
CA ASN C 84 22.91 -8.80 -14.80
C ASN C 84 21.44 -9.16 -15.03
N ALA C 85 20.97 -10.15 -14.29
CA ALA C 85 19.55 -10.49 -14.29
C ALA C 85 19.05 -10.73 -12.87
N ILE C 86 17.83 -10.27 -12.62
CA ILE C 86 17.12 -10.49 -11.33
C ILE C 86 15.89 -11.32 -11.66
N VAL C 87 15.56 -12.31 -10.84
CA VAL C 87 14.32 -13.11 -11.05
C VAL C 87 13.44 -12.96 -9.81
N LYS C 88 12.18 -12.59 -10.01
CA LYS C 88 11.27 -12.42 -8.86
C LYS C 88 9.91 -13.00 -9.21
N GLY C 89 9.25 -13.55 -8.22
CA GLY C 89 7.89 -14.01 -8.44
C GLY C 89 6.86 -12.91 -8.26
N LEU C 90 5.72 -13.04 -8.94
CA LEU C 90 4.62 -12.09 -8.86
C LEU C 90 3.33 -12.84 -8.60
N ARG C 91 2.51 -12.31 -7.69
CA ARG C 91 1.20 -12.89 -7.41
C ARG C 91 0.06 -12.13 -8.12
N THR C 92 0.15 -10.80 -8.12
CA THR C 92 -0.97 -9.97 -8.57
C THR C 92 -0.52 -8.87 -9.53
N GLY C 93 -1.49 -8.22 -10.18
CA GLY C 93 -1.20 -7.07 -11.01
C GLY C 93 -0.63 -5.92 -10.20
N THR C 94 -1.03 -5.81 -8.93
CA THR C 94 -0.44 -4.81 -8.05
C THR C 94 1.06 -5.06 -7.84
N ASP C 95 1.42 -6.32 -7.59
CA ASP C 95 2.83 -6.72 -7.51
C ASP C 95 3.55 -6.28 -8.76
N PHE C 96 2.91 -6.52 -9.91
CA PHE C 96 3.57 -6.19 -11.19
C PHE C 96 3.83 -4.70 -11.29
N GLU C 97 2.84 -3.89 -10.95
CA GLU C 97 3.00 -2.42 -11.09
C GLU C 97 4.15 -1.96 -10.19
N TYR C 98 4.21 -2.46 -8.97
CA TYR C 98 5.27 -2.08 -8.03
C TYR C 98 6.63 -2.53 -8.57
N GLU C 99 6.72 -3.77 -9.02
CA GLU C 99 8.00 -4.31 -9.48
C GLU C 99 8.41 -3.75 -10.83
N LEU C 100 7.43 -3.36 -11.64
CA LEU C 100 7.72 -2.69 -12.91
C LEU C 100 8.59 -1.46 -12.70
N GLN C 101 8.23 -0.65 -11.70
CA GLN C 101 8.96 0.59 -11.43
C GLN C 101 10.40 0.29 -11.01
N MET C 102 10.54 -0.66 -10.10
CA MET C 102 11.86 -1.07 -9.65
C MET C 102 12.67 -1.63 -10.81
N ALA C 103 12.04 -2.46 -11.64
CA ALA C 103 12.74 -3.09 -12.75
C ALA C 103 13.25 -2.03 -13.72
N GLN C 104 12.41 -1.06 -14.04
CA GLN C 104 12.82 -0.02 -14.96
C GLN C 104 13.92 0.87 -14.36
N MET C 105 13.82 1.14 -13.06
CA MET C 105 14.86 1.94 -12.41
C MET C 105 16.19 1.17 -12.45
N ASN C 106 16.13 -0.11 -12.12
CA ASN C 106 17.34 -0.92 -12.07
C ASN C 106 18.01 -1.06 -13.44
N LYS C 107 17.19 -1.14 -14.48
CA LYS C 107 17.73 -1.21 -15.84
C LYS C 107 18.37 0.12 -16.20
N HIS C 108 17.71 1.20 -15.81
CA HIS C 108 18.22 2.54 -16.10
C HIS C 108 19.58 2.81 -15.43
N ILE C 109 19.70 2.48 -14.15
CA ILE C 109 20.91 2.87 -13.43
C ILE C 109 22.09 1.91 -13.65
N ALA C 110 21.82 0.68 -14.07
CA ALA C 110 22.89 -0.32 -14.11
C ALA C 110 22.83 -1.33 -15.24
N GLY C 111 21.80 -1.25 -16.08
CA GLY C 111 21.67 -2.17 -17.19
C GLY C 111 21.25 -3.56 -16.78
N VAL C 112 20.84 -3.73 -15.52
CA VAL C 112 20.44 -5.03 -14.98
C VAL C 112 18.99 -5.29 -15.37
N ASP C 113 18.72 -6.46 -15.97
CA ASP C 113 17.35 -6.75 -16.34
CA ASP C 113 17.39 -6.89 -16.40
C ASP C 113 16.64 -7.55 -15.25
N THR C 114 15.33 -7.61 -15.35
CA THR C 114 14.52 -8.32 -14.37
C THR C 114 13.54 -9.21 -15.11
N PHE C 115 13.49 -10.47 -14.69
CA PHE C 115 12.54 -11.43 -15.24
C PHE C 115 11.57 -11.81 -14.14
N PHE C 116 10.29 -11.80 -14.46
CA PHE C 116 9.28 -12.20 -13.47
C PHE C 116 8.67 -13.54 -13.80
N VAL C 117 8.29 -14.27 -12.76
CA VAL C 117 7.50 -15.47 -12.98
C VAL C 117 6.21 -15.38 -12.21
N ALA C 118 5.16 -15.97 -12.77
CA ALA C 118 3.89 -16.10 -12.07
C ALA C 118 3.95 -17.09 -10.93
N THR C 119 3.28 -16.76 -9.84
N THR C 119 3.32 -16.75 -9.82
CA THR C 119 3.11 -17.64 -8.71
CA THR C 119 3.19 -17.65 -8.69
C THR C 119 2.54 -19.00 -9.10
C THR C 119 2.59 -18.99 -9.12
N ALA C 120 2.97 -20.06 -8.42
CA ALA C 120 2.28 -21.33 -8.54
C ALA C 120 0.87 -21.10 -7.99
N PRO C 121 -0.17 -21.60 -8.67
CA PRO C 121 -1.55 -21.39 -8.21
C PRO C 121 -1.75 -21.80 -6.75
N ALA C 122 -1.15 -22.90 -6.33
CA ALA C 122 -1.37 -23.42 -4.99
C ALA C 122 -0.84 -22.49 -3.90
N TYR C 123 0.10 -21.62 -4.25
CA TYR C 123 0.73 -20.76 -3.27
C TYR C 123 0.41 -19.29 -3.48
N SER C 124 -0.65 -19.02 -4.24
CA SER C 124 -1.03 -17.66 -4.60
C SER C 124 -1.27 -16.75 -3.40
N PHE C 125 -1.70 -17.34 -2.29
CA PHE C 125 -2.08 -16.56 -1.12
C PHE C 125 -1.00 -16.58 -0.04
N VAL C 126 0.15 -17.22 -0.27
CA VAL C 126 1.15 -17.31 0.80
CA VAL C 126 1.11 -17.28 0.83
C VAL C 126 2.17 -16.19 0.67
N SER C 127 2.44 -15.54 1.79
CA SER C 127 3.49 -14.55 1.91
C SER C 127 4.15 -14.84 3.25
N SER C 128 5.40 -14.45 3.42
CA SER C 128 6.07 -14.66 4.70
C SER C 128 5.29 -13.96 5.82
N SER C 129 4.85 -12.73 5.55
CA SER C 129 4.19 -11.94 6.56
CA SER C 129 4.19 -11.94 6.58
C SER C 129 2.88 -12.56 7.02
N LEU C 130 2.04 -12.97 6.05
CA LEU C 130 0.76 -13.53 6.42
C LEU C 130 0.94 -14.87 7.12
N ALA C 131 1.93 -15.65 6.69
CA ALA C 131 2.20 -16.94 7.32
C ALA C 131 2.59 -16.75 8.80
N LYS C 132 3.45 -15.77 9.06
CA LYS C 132 3.85 -15.47 10.44
C LYS C 132 2.66 -15.01 11.28
N GLU C 133 1.86 -14.12 10.73
CA GLU C 133 0.69 -13.59 11.43
C GLU C 133 -0.30 -14.69 11.80
N VAL C 134 -0.63 -15.54 10.84
CA VAL C 134 -1.56 -16.63 11.09
C VAL C 134 -0.98 -17.61 12.13
N ALA C 135 0.29 -17.95 11.98
CA ALA C 135 0.94 -18.90 12.90
C ALA C 135 1.01 -18.33 14.32
N THR C 136 1.21 -17.02 14.41
CA THR C 136 1.30 -16.33 15.70
C THR C 136 0.00 -16.51 16.46
N TYR C 137 -1.12 -16.53 15.75
CA TYR C 137 -2.42 -16.70 16.42
C TYR C 137 -2.93 -18.14 16.40
N GLY C 138 -2.08 -19.09 16.06
CA GLY C 138 -2.43 -20.49 16.19
C GLY C 138 -2.91 -21.20 14.94
N GLY C 139 -2.93 -20.52 13.80
CA GLY C 139 -3.35 -21.18 12.56
C GLY C 139 -2.27 -22.10 12.03
N ASP C 140 -2.70 -23.17 11.37
CA ASP C 140 -1.80 -24.19 10.85
C ASP C 140 -1.30 -23.81 9.45
N VAL C 141 -0.02 -23.40 9.38
CA VAL C 141 0.59 -23.03 8.10
C VAL C 141 1.61 -24.07 7.63
N SER C 142 1.54 -25.28 8.19
CA SER C 142 2.55 -26.30 7.90
C SER C 142 2.58 -26.71 6.43
N ALA C 143 1.46 -26.56 5.73
CA ALA C 143 1.41 -26.90 4.30
C ALA C 143 1.93 -25.80 3.40
N LEU C 144 2.36 -24.70 4.00
CA LEU C 144 2.74 -23.51 3.22
C LEU C 144 4.23 -23.21 3.28
N LEU C 145 4.94 -23.94 4.14
CA LEU C 145 6.35 -23.69 4.44
C LEU C 145 7.14 -24.99 4.31
N PRO C 146 8.43 -24.88 3.96
CA PRO C 146 9.29 -26.08 4.00
C PRO C 146 9.28 -26.70 5.39
N ALA C 147 9.47 -28.02 5.47
CA ALA C 147 9.39 -28.74 6.74
C ALA C 147 10.34 -28.16 7.80
N SER C 148 11.57 -27.91 7.38
CA SER C 148 12.57 -27.33 8.26
C SER C 148 12.10 -25.99 8.83
N VAL C 149 11.74 -25.06 7.94
CA VAL C 149 11.26 -23.75 8.32
C VAL C 149 10.15 -23.81 9.36
N HIS C 150 9.17 -24.68 9.12
CA HIS C 150 7.99 -24.76 9.97
C HIS C 150 8.38 -25.06 11.41
N GLN C 151 9.22 -26.07 11.60
CA GLN C 151 9.67 -26.37 12.96
C GLN C 151 10.40 -25.18 13.58
N ARG C 152 11.23 -24.49 12.79
CA ARG C 152 11.97 -23.33 13.30
C ARG C 152 11.04 -22.19 13.69
N LEU C 153 9.97 -22.02 12.91
CA LEU C 153 8.95 -21.01 13.20
C LEU C 153 8.24 -21.34 14.52
N LEU C 154 7.88 -22.60 14.70
CA LEU C 154 7.24 -23.02 15.94
C LEU C 154 8.13 -22.68 17.13
N GLY C 155 9.45 -22.86 16.95
CA GLY C 155 10.42 -22.52 17.98
C GLY C 155 10.41 -21.05 18.36
N LYS C 156 10.41 -20.18 17.34
CA LYS C 156 10.45 -18.74 17.56
C LYS C 156 9.21 -18.24 18.30
N LEU C 157 8.11 -18.97 18.18
CA LEU C 157 6.86 -18.56 18.79
C LEU C 157 6.79 -19.04 20.24
N ARG C 158 7.23 -20.27 20.47
CA ARG C 158 7.27 -20.83 21.81
C ARG C 158 8.51 -20.39 22.55
#